data_3OGN
#
_entry.id   3OGN
#
_cell.length_a   35.915
_cell.length_b   107.310
_cell.length_c   38.529
_cell.angle_alpha   90.00
_cell.angle_beta   100.38
_cell.angle_gamma   90.00
#
_symmetry.space_group_name_H-M   'P 1 21 1'
#
loop_
_entity.id
_entity.type
_entity.pdbx_description
1 polymer 'Odorant-binding protein'
2 non-polymer '(1S)-1-[(2R)-6-oxotetrahydro-2H-pyran-2-yl]undecyl acetate'
3 non-polymer 'MAGNESIUM ION'
4 water water
#
_entity_poly.entity_id   1
_entity_poly.type   'polypeptide(L)'
_entity_poly.pdbx_seq_one_letter_code
;VTPRRDAEYPPPELLEALKPLHDICAKKTGVTDEAIIEFSDGKIHEDEKLKCYMNCLFHEAKVVDDNGDVHLEKLHDSLP
NSMHDIAMHMGKRCLYPEGENLCEKAFWLHKCWKQADPKHYFLV
;
_entity_poly.pdbx_strand_id   A,B
#
# COMPACT_ATOMS: atom_id res chain seq x y z
N VAL A 1 -15.30 14.27 -11.30
CA VAL A 1 -15.36 12.80 -11.76
C VAL A 1 -15.26 12.57 -13.29
N THR A 2 -15.24 13.62 -14.09
CA THR A 2 -15.20 13.41 -15.58
C THR A 2 -13.79 12.92 -15.97
N PRO A 3 -13.65 11.82 -16.76
CA PRO A 3 -12.27 11.38 -17.05
C PRO A 3 -11.39 12.49 -17.65
N ARG A 4 -10.14 12.59 -17.18
CA ARG A 4 -9.18 13.50 -17.69
C ARG A 4 -8.51 12.85 -18.91
N ARG A 5 -8.65 13.52 -20.07
CA ARG A 5 -8.08 12.96 -21.29
C ARG A 5 -7.51 14.08 -22.12
N ASP A 6 -6.20 14.33 -22.03
CA ASP A 6 -5.60 15.52 -22.72
C ASP A 6 -4.17 15.19 -23.14
N ALA A 7 -3.37 16.15 -23.61
CA ALA A 7 -2.09 15.80 -24.21
C ALA A 7 -1.13 15.21 -23.24
N GLU A 8 -1.30 15.50 -21.96
CA GLU A 8 -0.36 15.08 -20.92
C GLU A 8 -0.84 13.88 -20.13
N TYR A 9 -2.14 13.59 -20.16
CA TYR A 9 -2.68 12.55 -19.28
C TYR A 9 -3.79 11.86 -20.08
N PRO A 10 -3.80 10.49 -20.14
CA PRO A 10 -2.77 9.62 -19.60
C PRO A 10 -1.41 9.99 -20.26
N PRO A 11 -0.31 9.78 -19.54
CA PRO A 11 0.98 10.17 -20.15
C PRO A 11 1.20 9.43 -21.47
N PRO A 12 1.53 10.13 -22.58
CA PRO A 12 1.74 9.47 -23.87
C PRO A 12 2.84 8.42 -23.83
N GLU A 13 3.84 8.55 -22.97
CA GLU A 13 4.88 7.55 -22.92
C GLU A 13 4.39 6.25 -22.30
N LEU A 14 3.45 6.40 -21.35
CA LEU A 14 2.83 5.22 -20.73
C LEU A 14 1.90 4.55 -21.76
N LEU A 15 1.09 5.30 -22.45
CA LEU A 15 0.25 4.73 -23.49
C LEU A 15 1.09 3.99 -24.49
N GLU A 16 2.21 4.55 -24.91
CA GLU A 16 3.01 3.86 -25.90
CA GLU A 16 3.10 3.91 -25.85
C GLU A 16 3.62 2.60 -25.32
N ALA A 17 4.02 2.58 -24.06
CA ALA A 17 4.53 1.34 -23.42
C ALA A 17 3.47 0.29 -23.27
N LEU A 18 2.23 0.73 -23.04
CA LEU A 18 1.11 -0.23 -22.87
C LEU A 18 0.67 -0.83 -24.13
N LYS A 19 0.90 -0.21 -25.28
CA LYS A 19 0.30 -0.70 -26.52
CA LYS A 19 0.39 -0.73 -26.58
C LYS A 19 0.79 -2.16 -26.88
N PRO A 20 2.10 -2.47 -26.79
CA PRO A 20 2.47 -3.89 -27.14
C PRO A 20 1.95 -4.87 -26.13
N LEU A 21 1.73 -4.44 -24.88
CA LEU A 21 1.16 -5.30 -23.83
C LEU A 21 -0.32 -5.57 -24.15
N HIS A 22 -1.02 -4.53 -24.50
CA HIS A 22 -2.40 -4.64 -24.96
C HIS A 22 -2.48 -5.63 -26.11
N ASP A 23 -1.57 -5.53 -27.10
CA ASP A 23 -1.69 -6.36 -28.29
C ASP A 23 -1.58 -7.84 -27.83
N ILE A 24 -0.62 -8.15 -26.97
CA ILE A 24 -0.44 -9.52 -26.50
C ILE A 24 -1.70 -9.96 -25.74
N CYS A 25 -2.15 -9.13 -24.81
CA CYS A 25 -3.20 -9.53 -23.91
C CYS A 25 -4.60 -9.61 -24.57
N ALA A 26 -4.85 -8.74 -25.55
CA ALA A 26 -6.08 -8.78 -26.27
C ALA A 26 -6.18 -10.11 -27.01
N LYS A 27 -5.08 -10.58 -27.63
CA LYS A 27 -5.16 -11.80 -28.37
C LYS A 27 -5.25 -12.99 -27.38
N LYS A 28 -4.57 -12.94 -26.24
CA LYS A 28 -4.64 -14.08 -25.30
CA LYS A 28 -4.63 -14.07 -25.26
C LYS A 28 -6.01 -14.23 -24.68
N THR A 29 -6.73 -13.11 -24.49
CA THR A 29 -7.94 -13.12 -23.71
C THR A 29 -9.21 -13.02 -24.54
N GLY A 30 -9.14 -12.44 -25.76
CA GLY A 30 -10.31 -12.26 -26.56
C GLY A 30 -11.16 -11.05 -26.15
N VAL A 31 -10.68 -10.20 -25.25
CA VAL A 31 -11.52 -9.07 -24.84
C VAL A 31 -11.84 -8.16 -26.02
N THR A 32 -13.03 -7.58 -26.01
CA THR A 32 -13.42 -6.67 -27.05
C THR A 32 -12.93 -5.27 -26.79
N ASP A 33 -12.73 -4.51 -27.89
CA ASP A 33 -12.40 -3.12 -27.76
C ASP A 33 -13.49 -2.38 -26.99
N GLU A 34 -14.76 -2.74 -27.24
CA GLU A 34 -15.86 -2.03 -26.57
C GLU A 34 -15.78 -2.25 -25.07
N ALA A 35 -15.43 -3.44 -24.63
CA ALA A 35 -15.34 -3.68 -23.20
C ALA A 35 -14.28 -2.85 -22.53
N ILE A 36 -13.12 -2.72 -23.18
CA ILE A 36 -12.02 -1.93 -22.61
C ILE A 36 -12.42 -0.47 -22.53
N ILE A 37 -12.94 0.09 -23.62
CA ILE A 37 -13.22 1.51 -23.60
C ILE A 37 -14.37 1.88 -22.68
N GLU A 38 -15.36 1.01 -22.58
CA GLU A 38 -16.40 1.31 -21.60
C GLU A 38 -15.86 1.32 -20.21
N PHE A 39 -15.02 0.33 -19.84
CA PHE A 39 -14.51 0.32 -18.48
C PHE A 39 -13.61 1.54 -18.27
N SER A 40 -12.82 1.94 -19.28
CA SER A 40 -11.91 3.06 -19.13
C SER A 40 -12.67 4.37 -18.94
N ASP A 41 -13.63 4.62 -19.82
CA ASP A 41 -14.20 5.98 -19.95
C ASP A 41 -15.62 6.04 -19.47
N GLY A 42 -16.28 4.91 -19.31
CA GLY A 42 -17.70 4.78 -19.03
C GLY A 42 -17.90 4.14 -17.66
N LYS A 43 -18.81 3.17 -17.60
CA LYS A 43 -19.17 2.54 -16.35
CA LYS A 43 -19.11 2.57 -16.33
C LYS A 43 -18.36 1.25 -16.05
N ILE A 44 -18.23 0.93 -14.77
CA ILE A 44 -17.78 -0.39 -14.35
C ILE A 44 -18.76 -1.43 -14.90
N HIS A 45 -18.30 -2.45 -15.54
CA HIS A 45 -19.12 -3.51 -15.99
C HIS A 45 -18.35 -4.82 -15.87
N GLU A 46 -19.05 -5.92 -15.82
CA GLU A 46 -18.46 -7.21 -15.49
C GLU A 46 -18.38 -8.03 -16.76
N ASP A 47 -17.22 -8.48 -17.14
CA ASP A 47 -16.96 -9.22 -18.40
C ASP A 47 -15.80 -10.11 -18.07
N GLU A 48 -15.91 -11.44 -18.20
CA GLU A 48 -14.86 -12.34 -17.80
C GLU A 48 -13.61 -12.15 -18.61
N LYS A 49 -13.72 -11.88 -19.91
CA LYS A 49 -12.56 -11.66 -20.75
C LYS A 49 -11.80 -10.41 -20.32
N LEU A 50 -12.55 -9.38 -19.92
CA LEU A 50 -11.93 -8.14 -19.42
C LEU A 50 -11.15 -8.37 -18.14
N LYS A 51 -11.73 -9.20 -17.23
CA LYS A 51 -10.99 -9.49 -16.00
C LYS A 51 -9.67 -10.18 -16.32
N CYS A 52 -9.74 -11.16 -17.25
CA CYS A 52 -8.51 -11.85 -17.63
C CYS A 52 -7.52 -10.93 -18.32
N TYR A 53 -8.06 -10.01 -19.14
CA TYR A 53 -7.19 -9.00 -19.79
C TYR A 53 -6.46 -8.19 -18.74
N MET A 54 -7.20 -7.74 -17.69
CA MET A 54 -6.54 -6.96 -16.64
C MET A 54 -5.43 -7.76 -15.95
N ASN A 55 -5.69 -9.04 -15.66
CA ASN A 55 -4.61 -9.84 -15.06
C ASN A 55 -3.44 -10.00 -16.00
N CYS A 56 -3.73 -10.25 -17.30
CA CYS A 56 -2.66 -10.42 -18.25
C CYS A 56 -1.77 -9.17 -18.37
N LEU A 57 -2.37 -7.95 -18.34
CA LEU A 57 -1.54 -6.76 -18.42
C LEU A 57 -0.59 -6.69 -17.27
N PHE A 58 -1.02 -7.03 -16.06
CA PHE A 58 -0.08 -6.99 -14.93
C PHE A 58 1.05 -7.97 -15.13
N HIS A 59 0.74 -9.16 -15.65
CA HIS A 59 1.82 -10.12 -15.92
C HIS A 59 2.75 -9.61 -16.99
N GLU A 60 2.24 -9.11 -18.11
CA GLU A 60 3.11 -8.66 -19.20
C GLU A 60 3.90 -7.44 -18.83
N ALA A 61 3.39 -6.57 -17.94
CA ALA A 61 4.12 -5.39 -17.45
C ALA A 61 5.11 -5.80 -16.41
N LYS A 62 5.17 -7.07 -16.00
CA LYS A 62 6.17 -7.45 -14.96
C LYS A 62 5.98 -6.70 -13.67
N VAL A 63 4.74 -6.59 -13.20
CA VAL A 63 4.44 -5.94 -11.92
C VAL A 63 3.79 -6.95 -10.98
N VAL A 64 4.06 -8.26 -11.13
CA VAL A 64 3.46 -9.31 -10.29
C VAL A 64 4.57 -9.98 -9.46
N ASP A 65 4.18 -10.58 -8.36
CA ASP A 65 5.07 -11.34 -7.52
C ASP A 65 5.20 -12.74 -8.05
N ASP A 66 5.97 -13.58 -7.35
CA ASP A 66 6.12 -14.96 -7.80
C ASP A 66 4.85 -15.81 -7.94
N ASN A 67 3.78 -15.43 -7.22
CA ASN A 67 2.50 -16.12 -7.29
C ASN A 67 1.60 -15.52 -8.34
N GLY A 68 2.02 -14.46 -9.07
CA GLY A 68 1.14 -13.83 -10.04
C GLY A 68 0.30 -12.72 -9.45
N ASP A 69 0.37 -12.46 -8.14
CA ASP A 69 -0.41 -11.37 -7.55
C ASP A 69 0.28 -10.05 -7.86
N VAL A 70 -0.51 -9.01 -7.97
CA VAL A 70 0.06 -7.68 -8.22
C VAL A 70 0.99 -7.31 -7.05
N HIS A 71 2.16 -6.76 -7.39
CA HIS A 71 3.07 -6.17 -6.40
C HIS A 71 2.89 -4.66 -6.54
N LEU A 72 2.19 -4.03 -5.58
CA LEU A 72 1.82 -2.68 -5.78
C LEU A 72 2.99 -1.75 -5.83
N GLU A 73 4.11 -2.06 -5.13
CA GLU A 73 5.28 -1.19 -5.20
C GLU A 73 5.94 -1.26 -6.59
N LYS A 74 6.05 -2.47 -7.12
CA LYS A 74 6.60 -2.61 -8.50
C LYS A 74 5.71 -1.86 -9.48
N LEU A 75 4.38 -1.96 -9.31
CA LEU A 75 3.46 -1.24 -10.19
C LEU A 75 3.67 0.26 -10.06
N HIS A 76 3.60 0.76 -8.83
CA HIS A 76 3.78 2.19 -8.61
C HIS A 76 5.07 2.71 -9.21
N ASP A 77 6.16 1.98 -9.02
CA ASP A 77 7.49 2.42 -9.51
C ASP A 77 7.49 2.36 -11.04
N SER A 78 6.66 1.57 -11.70
CA SER A 78 6.72 1.49 -13.16
CA SER A 78 6.71 1.50 -13.16
C SER A 78 6.01 2.65 -13.84
N LEU A 79 5.24 3.45 -13.11
CA LEU A 79 4.51 4.53 -13.70
C LEU A 79 5.41 5.73 -13.85
N PRO A 80 5.08 6.63 -14.79
CA PRO A 80 5.85 7.87 -14.88
C PRO A 80 5.75 8.67 -13.57
N ASN A 81 6.78 9.46 -13.31
CA ASN A 81 6.82 10.30 -12.10
C ASN A 81 5.68 11.25 -12.01
N SER A 82 5.21 11.71 -13.18
CA SER A 82 4.08 12.63 -13.22
C SER A 82 2.81 12.06 -12.59
N MET A 83 2.76 10.70 -12.53
CA MET A 83 1.55 10.02 -12.02
C MET A 83 1.76 9.47 -10.61
N HIS A 84 2.89 9.72 -9.97
CA HIS A 84 3.18 9.05 -8.69
C HIS A 84 2.15 9.42 -7.65
N ASP A 85 1.87 10.72 -7.50
CA ASP A 85 0.92 11.12 -6.43
C ASP A 85 -0.52 10.71 -6.78
N ILE A 86 -0.90 10.87 -8.08
CA ILE A 86 -2.25 10.43 -8.52
C ILE A 86 -2.44 8.95 -8.21
N ALA A 87 -1.45 8.16 -8.56
CA ALA A 87 -1.58 6.72 -8.33
C ALA A 87 -1.65 6.40 -6.85
N MET A 88 -0.83 7.08 -6.02
CA MET A 88 -0.82 6.82 -4.62
C MET A 88 -2.21 7.06 -3.98
N HIS A 89 -2.82 8.20 -4.33
CA HIS A 89 -4.09 8.50 -3.76
C HIS A 89 -5.17 7.56 -4.29
N MET A 90 -5.08 7.15 -5.53
CA MET A 90 -6.04 6.22 -6.14
CA MET A 90 -6.09 6.23 -6.03
C MET A 90 -5.92 4.86 -5.47
N GLY A 91 -4.69 4.46 -5.10
CA GLY A 91 -4.48 3.08 -4.66
C GLY A 91 -4.38 2.89 -3.16
N LYS A 92 -4.41 3.96 -2.33
CA LYS A 92 -4.09 3.81 -0.91
C LYS A 92 -5.16 3.09 -0.10
N ARG A 93 -6.37 2.93 -0.62
CA ARG A 93 -7.37 2.14 0.00
C ARG A 93 -7.79 1.02 -0.94
N CYS A 94 -6.84 0.52 -1.71
CA CYS A 94 -7.02 -0.61 -2.59
C CYS A 94 -5.84 -1.54 -2.41
N LEU A 95 -5.31 -1.70 -1.19
CA LEU A 95 -4.09 -2.43 -0.99
C LEU A 95 -4.22 -3.92 -1.04
N TYR A 96 -5.44 -4.47 -0.75
CA TYR A 96 -5.53 -5.89 -0.47
C TYR A 96 -6.64 -6.54 -1.32
N PRO A 97 -6.29 -6.87 -2.55
CA PRO A 97 -7.37 -7.35 -3.48
C PRO A 97 -8.06 -8.56 -2.97
N GLU A 98 -9.34 -8.63 -3.29
CA GLU A 98 -10.18 -9.77 -2.93
C GLU A 98 -10.59 -10.51 -4.17
N GLY A 99 -10.69 -11.83 -4.02
CA GLY A 99 -11.11 -12.61 -5.16
C GLY A 99 -10.45 -13.99 -5.07
N GLU A 100 -11.03 -14.96 -5.70
CA GLU A 100 -10.47 -16.35 -5.52
C GLU A 100 -9.42 -16.67 -6.53
N ASN A 101 -9.33 -15.91 -7.61
CA ASN A 101 -8.35 -16.18 -8.66
C ASN A 101 -7.73 -14.88 -9.15
N LEU A 102 -6.73 -14.96 -9.96
CA LEU A 102 -5.94 -13.77 -10.30
C LEU A 102 -6.80 -12.84 -11.21
N CYS A 103 -7.67 -13.35 -12.04
CA CYS A 103 -8.50 -12.48 -12.83
C CYS A 103 -9.47 -11.70 -11.97
N GLU A 104 -10.09 -12.34 -11.00
CA GLU A 104 -10.97 -11.67 -10.11
CA GLU A 104 -10.99 -11.62 -10.12
C GLU A 104 -10.23 -10.62 -9.28
N LYS A 105 -9.05 -10.92 -8.76
CA LYS A 105 -8.39 -9.90 -7.97
CA LYS A 105 -8.26 -9.97 -8.00
C LYS A 105 -7.93 -8.77 -8.87
N ALA A 106 -7.58 -9.05 -10.13
CA ALA A 106 -7.21 -7.93 -11.01
C ALA A 106 -8.39 -7.03 -11.25
N PHE A 107 -9.56 -7.60 -11.50
CA PHE A 107 -10.78 -6.87 -11.66
C PHE A 107 -11.09 -6.08 -10.39
N TRP A 108 -10.94 -6.67 -9.23
CA TRP A 108 -11.18 -6.00 -7.96
C TRP A 108 -10.33 -4.73 -7.90
N LEU A 109 -9.06 -4.83 -8.25
CA LEU A 109 -8.20 -3.67 -8.20
C LEU A 109 -8.65 -2.60 -9.14
N HIS A 110 -8.95 -2.94 -10.39
CA HIS A 110 -9.38 -1.93 -11.36
C HIS A 110 -10.68 -1.27 -10.92
N LYS A 111 -11.66 -2.02 -10.41
CA LYS A 111 -12.89 -1.43 -9.87
CA LYS A 111 -12.89 -1.45 -9.94
C LYS A 111 -12.57 -0.50 -8.73
N CYS A 112 -11.69 -0.93 -7.83
CA CYS A 112 -11.39 -0.12 -6.66
C CYS A 112 -10.71 1.19 -7.08
N TRP A 113 -9.76 1.11 -8.01
CA TRP A 113 -9.13 2.33 -8.50
C TRP A 113 -10.10 3.22 -9.20
N LYS A 114 -10.94 2.69 -10.05
CA LYS A 114 -11.88 3.50 -10.83
C LYS A 114 -12.88 4.16 -9.90
N GLN A 115 -13.34 3.48 -8.87
CA GLN A 115 -14.26 4.13 -7.90
C GLN A 115 -13.49 5.17 -7.13
N ALA A 116 -12.25 4.96 -6.76
CA ALA A 116 -11.48 5.90 -5.93
C ALA A 116 -11.22 7.19 -6.67
N ASP A 117 -10.99 7.11 -7.98
CA ASP A 117 -10.61 8.30 -8.73
C ASP A 117 -11.00 8.14 -10.19
N PRO A 118 -12.27 8.34 -10.52
CA PRO A 118 -12.70 8.11 -11.93
C PRO A 118 -12.10 9.10 -12.91
N LYS A 119 -11.71 10.25 -12.41
CA LYS A 119 -11.09 11.27 -13.28
C LYS A 119 -9.79 10.75 -13.84
N HIS A 120 -8.94 10.15 -13.00
CA HIS A 120 -7.62 9.72 -13.48
C HIS A 120 -7.58 8.26 -13.89
N TYR A 121 -8.62 7.49 -13.59
CA TYR A 121 -8.61 6.08 -14.02
C TYR A 121 -8.67 6.02 -15.51
N PHE A 122 -7.94 5.06 -16.11
CA PHE A 122 -8.12 4.75 -17.52
C PHE A 122 -7.70 3.30 -17.70
N LEU A 123 -8.05 2.75 -18.85
CA LEU A 123 -7.60 1.40 -19.22
C LEU A 123 -7.43 1.43 -20.72
N VAL A 124 -6.37 0.87 -21.20
CA VAL A 124 -6.14 0.71 -22.65
C VAL A 124 -5.74 -0.68 -22.96
N VAL B 1 16.19 15.11 8.37
CA VAL B 1 16.68 13.91 9.08
C VAL B 1 16.52 13.86 10.64
N THR B 2 16.87 14.90 11.44
CA THR B 2 16.79 14.70 12.93
C THR B 2 15.34 14.57 13.31
N PRO B 3 15.05 13.78 14.36
CA PRO B 3 13.61 13.59 14.64
C PRO B 3 12.89 14.87 15.01
N ARG B 4 11.72 15.06 14.48
CA ARG B 4 10.91 16.21 14.87
C ARG B 4 10.23 15.91 16.16
N ARG B 5 10.45 16.71 17.20
CA ARG B 5 9.86 16.45 18.53
C ARG B 5 9.54 17.85 19.07
N ASP B 6 8.27 18.24 18.93
CA ASP B 6 7.88 19.56 19.42
C ASP B 6 6.46 19.49 19.93
N ALA B 7 5.84 20.62 20.24
CA ALA B 7 4.60 20.53 21.01
C ALA B 7 3.49 19.96 20.15
N GLU B 8 3.64 20.04 18.81
CA GLU B 8 2.58 19.61 17.91
C GLU B 8 2.87 18.25 17.32
N TYR B 9 4.12 17.80 17.37
CA TYR B 9 4.46 16.50 16.70
C TYR B 9 5.48 15.75 17.58
N PRO B 10 5.22 14.44 17.90
CA PRO B 10 4.05 13.65 17.51
C PRO B 10 2.82 14.30 18.10
N PRO B 11 1.65 14.12 17.46
CA PRO B 11 0.44 14.77 18.02
C PRO B 11 0.10 14.31 19.41
N PRO B 12 -0.18 15.26 20.34
CA PRO B 12 -0.36 14.88 21.72
C PRO B 12 -1.51 13.93 21.91
N GLU B 13 -2.56 14.02 21.10
CA GLU B 13 -3.69 13.11 21.24
C GLU B 13 -3.36 11.70 20.89
N LEU B 14 -2.43 11.49 19.96
CA LEU B 14 -2.00 10.18 19.58
C LEU B 14 -1.09 9.64 20.70
N LEU B 15 -0.20 10.47 21.23
CA LEU B 15 0.60 9.95 22.33
C LEU B 15 -0.26 9.56 23.50
N GLU B 16 -1.32 10.31 23.78
CA GLU B 16 -2.24 9.94 24.84
C GLU B 16 -2.95 8.62 24.55
N ALA B 17 -3.39 8.40 23.33
CA ALA B 17 -4.07 7.19 23.01
C ALA B 17 -3.09 5.98 23.02
N LEU B 18 -1.81 6.21 22.71
CA LEU B 18 -0.87 5.10 22.76
C LEU B 18 -0.48 4.68 24.16
N LYS B 19 -0.55 5.59 25.11
CA LYS B 19 -0.03 5.30 26.45
C LYS B 19 -0.61 4.04 27.13
N PRO B 20 -1.96 3.87 27.11
CA PRO B 20 -2.44 2.61 27.73
C PRO B 20 -2.04 1.35 26.98
N LEU B 21 -1.81 1.47 25.66
CA LEU B 21 -1.34 0.30 24.86
C LEU B 21 0.11 -0.02 25.23
N HIS B 22 0.91 1.05 25.35
CA HIS B 22 2.29 0.89 25.79
C HIS B 22 2.25 0.19 27.16
N ASP B 23 1.38 0.59 28.09
CA ASP B 23 1.45 -0.01 29.44
C ASP B 23 1.17 -1.52 29.38
N ILE B 24 0.18 -1.90 28.56
CA ILE B 24 -0.13 -3.29 28.41
C ILE B 24 1.07 -4.02 27.81
N CYS B 25 1.58 -3.47 26.71
CA CYS B 25 2.60 -4.18 25.92
C CYS B 25 3.96 -4.22 26.62
N ALA B 26 4.27 -3.21 27.36
CA ALA B 26 5.58 -3.21 28.09
C ALA B 26 5.58 -4.35 29.12
N LYS B 27 4.42 -4.58 29.80
CA LYS B 27 4.42 -5.65 30.79
C LYS B 27 4.39 -7.00 30.10
N LYS B 28 3.68 -7.14 28.97
CA LYS B 28 3.60 -8.39 28.27
CA LYS B 28 3.59 -8.42 28.26
C LYS B 28 4.96 -8.83 27.76
N THR B 29 5.76 -7.83 27.30
CA THR B 29 6.99 -8.14 26.56
C THR B 29 8.27 -7.95 27.38
N GLY B 30 8.23 -7.13 28.43
CA GLY B 30 9.45 -6.88 29.18
C GLY B 30 10.37 -5.89 28.49
N VAL B 31 9.98 -5.23 27.44
CA VAL B 31 10.92 -4.31 26.76
C VAL B 31 11.33 -3.16 27.71
N THR B 32 12.59 -2.74 27.58
CA THR B 32 13.08 -1.67 28.41
C THR B 32 12.67 -0.33 27.83
N ASP B 33 12.56 0.67 28.72
CA ASP B 33 12.37 2.05 28.29
C ASP B 33 13.49 2.48 27.37
N GLU B 34 14.71 2.10 27.69
CA GLU B 34 15.82 2.54 26.87
C GLU B 34 15.77 2.00 25.49
N ALA B 35 15.31 0.75 25.32
CA ALA B 35 15.18 0.21 23.95
C ALA B 35 14.21 0.96 23.12
N ILE B 36 13.07 1.37 23.71
CA ILE B 36 12.04 2.07 22.97
C ILE B 36 12.59 3.44 22.55
N ILE B 37 13.12 4.22 23.48
CA ILE B 37 13.50 5.59 23.14
C ILE B 37 14.68 5.57 22.20
N GLU B 38 15.59 4.60 22.31
CA GLU B 38 16.67 4.53 21.30
C GLU B 38 16.12 4.31 19.93
N PHE B 39 15.21 3.33 19.78
CA PHE B 39 14.65 3.10 18.48
C PHE B 39 13.89 4.33 17.96
N SER B 40 13.15 5.00 18.84
CA SER B 40 12.38 6.15 18.43
C SER B 40 13.26 7.25 17.93
N ASP B 41 14.20 7.69 18.78
CA ASP B 41 14.91 8.96 18.63
C ASP B 41 16.33 8.76 18.18
N GLY B 42 16.85 7.57 18.26
CA GLY B 42 18.27 7.25 18.02
C GLY B 42 18.40 6.32 16.88
N LYS B 43 19.20 5.28 17.03
CA LYS B 43 19.40 4.35 15.92
C LYS B 43 18.52 3.15 15.93
N ILE B 44 18.34 2.57 14.74
CA ILE B 44 17.80 1.23 14.66
C ILE B 44 18.69 0.29 15.45
N HIS B 45 18.10 -0.58 16.26
CA HIS B 45 18.87 -1.58 16.98
C HIS B 45 17.97 -2.80 17.15
N GLU B 46 18.60 -3.92 17.37
CA GLU B 46 17.88 -5.23 17.33
C GLU B 46 17.73 -5.73 18.72
N ASP B 47 16.50 -6.00 19.16
CA ASP B 47 16.22 -6.43 20.58
C ASP B 47 14.95 -7.25 20.46
N GLU B 48 14.96 -8.51 20.89
CA GLU B 48 13.81 -9.37 20.69
C GLU B 48 12.60 -8.90 21.43
N LYS B 49 12.73 -8.34 22.62
CA LYS B 49 11.62 -7.81 23.38
C LYS B 49 11.01 -6.62 22.66
N LEU B 50 11.84 -5.78 22.07
CA LEU B 50 11.34 -4.70 21.30
C LEU B 50 10.52 -5.16 20.09
N LYS B 51 11.00 -6.17 19.39
CA LYS B 51 10.22 -6.69 18.28
C LYS B 51 8.84 -7.10 18.74
N CYS B 52 8.79 -7.89 19.84
CA CYS B 52 7.49 -8.33 20.37
C CYS B 52 6.66 -7.17 20.85
N TYR B 53 7.28 -6.13 21.40
CA TYR B 53 6.52 -4.96 21.84
C TYR B 53 5.86 -4.34 20.62
N MET B 54 6.60 -4.21 19.49
CA MET B 54 6.04 -3.63 18.28
C MET B 54 4.84 -4.46 17.81
N ASN B 55 4.96 -5.79 17.78
CA ASN B 55 3.80 -6.58 17.40
C ASN B 55 2.66 -6.35 18.34
N CYS B 56 2.93 -6.36 19.65
CA CYS B 56 1.86 -6.22 20.62
C CYS B 56 1.13 -4.91 20.44
N LEU B 57 1.84 -3.82 20.13
CA LEU B 57 1.14 -2.59 19.92
C LEU B 57 0.17 -2.64 18.78
N PHE B 58 0.54 -3.33 17.70
CA PHE B 58 -0.37 -3.44 16.56
C PHE B 58 -1.64 -4.19 16.99
N HIS B 59 -1.46 -5.28 17.75
CA HIS B 59 -2.65 -6.03 18.23
C HIS B 59 -3.48 -5.21 19.18
N GLU B 60 -2.87 -4.50 20.13
CA GLU B 60 -3.70 -3.74 21.09
C GLU B 60 -4.33 -2.59 20.45
N ALA B 61 -3.78 -2.03 19.40
CA ALA B 61 -4.37 -0.94 18.66
C ALA B 61 -5.43 -1.44 17.73
N LYS B 62 -5.61 -2.75 17.55
CA LYS B 62 -6.66 -3.29 16.68
C LYS B 62 -6.41 -2.81 15.23
N VAL B 63 -5.17 -2.95 14.76
CA VAL B 63 -4.81 -2.61 13.37
C VAL B 63 -4.30 -3.85 12.67
N VAL B 64 -4.69 -5.03 13.13
CA VAL B 64 -4.25 -6.31 12.54
C VAL B 64 -5.41 -7.04 11.87
N ASP B 65 -5.11 -7.93 10.95
CA ASP B 65 -6.12 -8.79 10.33
C ASP B 65 -6.29 -10.01 11.24
N ASP B 66 -7.17 -10.92 10.80
CA ASP B 66 -7.44 -12.17 11.54
C ASP B 66 -6.27 -13.12 11.79
N ASN B 67 -5.20 -12.97 11.00
CA ASN B 67 -3.95 -13.77 11.22
C ASN B 67 -2.95 -13.05 12.08
N GLY B 68 -3.30 -11.82 12.50
CA GLY B 68 -2.37 -11.03 13.28
C GLY B 68 -1.46 -10.16 12.47
N ASP B 69 -1.51 -10.22 11.14
CA ASP B 69 -0.65 -9.35 10.34
C ASP B 69 -1.18 -7.91 10.32
N VAL B 70 -0.27 -6.95 10.24
CA VAL B 70 -0.69 -5.56 10.18
C VAL B 70 -1.61 -5.30 8.96
N HIS B 71 -2.71 -4.61 9.15
CA HIS B 71 -3.55 -4.19 8.01
C HIS B 71 -3.25 -2.71 7.85
N LEU B 72 -2.51 -2.39 6.79
CA LEU B 72 -1.98 -1.05 6.65
C LEU B 72 -3.09 -0.02 6.44
N GLU B 73 -4.23 -0.41 5.84
CA GLU B 73 -5.29 0.57 5.74
C GLU B 73 -5.92 0.88 7.08
N LYS B 74 -6.14 -0.14 7.89
CA LYS B 74 -6.67 0.11 9.25
C LYS B 74 -5.69 0.97 10.01
N LEU B 75 -4.39 0.70 9.91
CA LEU B 75 -3.39 1.49 10.65
C LEU B 75 -3.45 2.92 10.15
N HIS B 76 -3.38 3.13 8.85
CA HIS B 76 -3.38 4.50 8.30
C HIS B 76 -4.64 5.27 8.74
N ASP B 77 -5.79 4.63 8.74
CA ASP B 77 -7.07 5.26 9.13
C ASP B 77 -7.07 5.52 10.62
N SER B 78 -6.27 4.85 11.43
CA SER B 78 -6.33 5.12 12.89
CA SER B 78 -6.29 5.09 12.88
C SER B 78 -5.53 6.35 13.27
N LEU B 79 -4.69 6.87 12.39
CA LEU B 79 -3.82 7.97 12.74
C LEU B 79 -4.64 9.26 12.57
N PRO B 80 -4.21 10.30 13.28
CA PRO B 80 -4.79 11.63 13.11
C PRO B 80 -4.69 12.09 11.63
N ASN B 81 -5.71 12.78 11.15
CA ASN B 81 -5.66 13.38 9.81
C ASN B 81 -4.38 14.18 9.51
N SER B 82 -3.83 14.89 10.51
CA SER B 82 -2.62 15.64 10.27
C SER B 82 -1.42 14.79 9.87
N MET B 83 -1.50 13.47 10.13
CA MET B 83 -0.37 12.57 9.79
C MET B 83 -0.65 11.76 8.54
N HIS B 84 -1.80 11.96 7.90
CA HIS B 84 -2.22 11.10 6.78
C HIS B 84 -1.15 11.13 5.66
N ASP B 85 -0.71 12.31 5.24
CA ASP B 85 0.22 12.33 4.14
C ASP B 85 1.63 11.90 4.56
N ILE B 86 2.02 12.28 5.79
CA ILE B 86 3.36 11.89 6.29
C ILE B 86 3.42 10.33 6.35
N ALA B 87 2.35 9.71 6.86
CA ALA B 87 2.34 8.23 7.04
C ALA B 87 2.34 7.61 5.68
N MET B 88 1.57 8.21 4.74
CA MET B 88 1.52 7.61 3.42
C MET B 88 2.89 7.58 2.75
N HIS B 89 3.61 8.71 2.80
CA HIS B 89 4.92 8.72 2.19
C HIS B 89 5.93 7.85 2.93
N MET B 90 5.81 7.70 4.26
CA MET B 90 6.63 6.85 5.05
CA MET B 90 6.71 6.81 4.92
C MET B 90 6.41 5.37 4.70
N GLY B 91 5.17 5.04 4.39
CA GLY B 91 4.74 3.67 4.28
C GLY B 91 4.63 3.10 2.88
N LYS B 92 4.80 3.94 1.83
CA LYS B 92 4.47 3.52 0.47
C LYS B 92 5.44 2.53 -0.10
N ARG B 93 6.64 2.39 0.44
CA ARG B 93 7.60 1.40 -0.03
C ARG B 93 7.89 0.46 1.15
N CYS B 94 6.90 0.25 2.01
CA CYS B 94 6.96 -0.66 3.16
C CYS B 94 5.72 -1.51 3.19
N LEU B 95 5.16 -1.91 2.00
CA LEU B 95 3.91 -2.54 1.99
C LEU B 95 3.87 -3.99 2.41
N TYR B 96 4.99 -4.71 2.24
CA TYR B 96 4.94 -6.19 2.31
C TYR B 96 5.99 -6.69 3.31
N PRO B 97 5.64 -6.75 4.58
CA PRO B 97 6.63 -7.13 5.61
C PRO B 97 7.18 -8.53 5.40
N GLU B 98 8.45 -8.67 5.78
CA GLU B 98 9.13 -9.93 5.70
C GLU B 98 9.52 -10.40 7.06
N GLY B 99 9.42 -11.72 7.32
CA GLY B 99 9.88 -12.26 8.53
C GLY B 99 9.21 -13.57 8.85
N GLU B 100 9.83 -14.31 9.76
CA GLU B 100 9.46 -15.68 10.11
CA GLU B 100 9.30 -15.68 9.98
C GLU B 100 8.30 -15.74 11.10
N ASN B 101 7.91 -14.62 11.70
CA ASN B 101 6.86 -14.62 12.71
C ASN B 101 6.39 -13.17 12.79
N LEU B 102 5.36 -12.95 13.57
CA LEU B 102 4.72 -11.63 13.63
C LEU B 102 5.65 -10.62 14.30
N CYS B 103 6.43 -10.98 15.30
CA CYS B 103 7.33 -10.02 15.90
C CYS B 103 8.39 -9.55 14.88
N GLU B 104 8.94 -10.46 14.10
CA GLU B 104 9.91 -10.09 13.13
CA GLU B 104 9.91 -10.12 13.06
C GLU B 104 9.29 -9.22 12.01
N LYS B 105 8.07 -9.51 11.58
CA LYS B 105 7.38 -8.70 10.59
CA LYS B 105 7.49 -8.66 10.57
C LYS B 105 7.15 -7.28 11.17
N ALA B 106 6.78 -7.22 12.45
CA ALA B 106 6.52 -5.92 13.04
C ALA B 106 7.82 -5.07 13.09
N PHE B 107 8.94 -5.69 13.45
CA PHE B 107 10.21 -5.03 13.46
C PHE B 107 10.63 -4.60 12.05
N TRP B 108 10.32 -5.44 11.05
CA TRP B 108 10.65 -5.07 9.66
C TRP B 108 9.92 -3.77 9.29
N LEU B 109 8.66 -3.67 9.65
CA LEU B 109 7.86 -2.51 9.33
C LEU B 109 8.45 -1.29 10.01
N HIS B 110 8.74 -1.37 11.30
CA HIS B 110 9.29 -0.22 11.99
C HIS B 110 10.65 0.19 11.45
N LYS B 111 11.52 -0.74 11.12
CA LYS B 111 12.78 -0.35 10.48
CA LYS B 111 12.78 -0.40 10.51
C LYS B 111 12.56 0.30 9.16
N CYS B 112 11.62 -0.22 8.37
CA CYS B 112 11.39 0.37 7.04
C CYS B 112 10.86 1.78 7.17
N TRP B 113 9.90 1.99 8.10
CA TRP B 113 9.34 3.28 8.27
C TRP B 113 10.40 4.28 8.74
N LYS B 114 11.19 3.86 9.74
CA LYS B 114 12.20 4.78 10.31
C LYS B 114 13.25 5.12 9.27
N GLN B 115 13.65 4.20 8.44
CA GLN B 115 14.61 4.52 7.35
C GLN B 115 13.96 5.41 6.34
N ALA B 116 12.67 5.26 6.06
CA ALA B 116 12.03 6.10 5.04
C ALA B 116 11.88 7.53 5.46
N ASP B 117 11.59 7.75 6.73
CA ASP B 117 11.36 9.14 7.20
C ASP B 117 11.74 9.25 8.65
N PRO B 118 13.06 9.37 8.94
CA PRO B 118 13.47 9.40 10.37
C PRO B 118 13.03 10.64 11.08
N LYS B 119 12.77 11.71 10.33
CA LYS B 119 12.22 12.94 10.94
C LYS B 119 10.88 12.72 11.61
N HIS B 120 9.97 12.01 10.93
CA HIS B 120 8.65 11.85 11.48
C HIS B 120 8.46 10.53 12.19
N TYR B 121 9.38 9.60 12.03
CA TYR B 121 9.22 8.31 12.75
C TYR B 121 9.32 8.56 14.24
N PHE B 122 8.51 7.83 15.02
CA PHE B 122 8.68 7.78 16.47
C PHE B 122 8.10 6.46 16.95
N LEU B 123 8.45 6.11 18.17
CA LEU B 123 7.90 4.93 18.85
C LEU B 123 7.76 5.30 20.29
N VAL B 124 6.65 5.01 20.92
CA VAL B 124 6.50 5.19 22.41
C VAL B 124 5.91 3.94 22.97
#